data_8Y6Z
#
_entry.id   8Y6Z
#
_cell.length_a   230.330
_cell.length_b   230.330
_cell.length_c   59.290
_cell.angle_alpha   90.00
_cell.angle_beta   90.00
_cell.angle_gamma   120.00
#
_symmetry.space_group_name_H-M   'P 62 2 2'
#
_entity_poly.entity_id   1
_entity_poly.type   'polypeptide(L)'
_entity_poly.pdbx_seq_one_letter_code
;MKKILIVSFLGKGRYYETFYYSIEHSEKMVKKRLSPLANAILEKENGNDVEIIFFVTNEVKNEFLYDENNEYAKNILNEL
NEIKNYGIKVSYRDIPKGKNYEELEIIMEEIEKLLLDFKGNKVIFDLTHGLRHMAIFTSSTVFYFKNLMEKANKLEMKIV
YGAYEIGEEIEKNLKKVPILDITQTLELSDLTIALEEFERYGITERMIIVLKNIQKIVAKNKLCNLNELKFSSLSRELKL
FEELLKIPSPPEKIANSIYKINDILESSIREFKLCSKNSENLFFIKPIQKFLVDFQKIVLEKLPLDKKINKYSNIATLEK
VEFMKNIIKLLINWKMYSEAVIHLRELLIDIKLIENGKYFYYNNKDFREKYWMYSYNIVDTKDKELPKKIEELLKNVKGW
RNSVAHGGRANTSINQKTLEENLENALSMIDEILLSMKDLKVNSKKIYLLNSTIMPIPKDNQEGKFYILKLTKNEFKVIL
ENAIKDDVLDSAIGHESVIEFIKDKFELTVPLKRKEIYFEKGESALVIKLEKRPEEGKIYTKEEMDFMEENNLIGYYYIY
REG
;
_entity_poly.pdbx_strand_id   B
#
# COMPACT_ATOMS: atom_id res chain seq x y z
N MET A 1 -28.40 7.71 16.03
CA MET A 1 -29.46 7.52 15.05
C MET A 1 -29.00 7.90 13.65
N LYS A 2 -29.37 7.08 12.67
CA LYS A 2 -29.06 7.33 11.27
C LYS A 2 -30.36 7.51 10.49
N LYS A 3 -30.29 8.26 9.40
CA LYS A 3 -31.40 8.41 8.47
C LYS A 3 -31.16 7.51 7.27
N ILE A 4 -32.22 6.80 6.86
CA ILE A 4 -32.09 5.66 5.96
C ILE A 4 -33.21 5.72 4.92
N LEU A 5 -32.86 5.39 3.69
CA LEU A 5 -33.80 5.34 2.57
C LEU A 5 -33.75 3.95 1.95
N ILE A 6 -34.91 3.30 1.86
CA ILE A 6 -35.04 2.02 1.18
C ILE A 6 -35.71 2.25 -0.16
N VAL A 7 -35.10 1.73 -1.22
CA VAL A 7 -35.62 1.86 -2.57
C VAL A 7 -35.97 0.48 -3.08
N SER A 8 -37.22 0.30 -3.48
CA SER A 8 -37.69 -0.94 -4.08
C SER A 8 -38.59 -0.61 -5.25
N PHE A 9 -38.79 -1.61 -6.10
CA PHE A 9 -39.84 -1.56 -7.10
C PHE A 9 -41.10 -2.19 -6.51
N LEU A 10 -42.16 -2.23 -7.32
CA LEU A 10 -43.41 -2.84 -6.88
C LEU A 10 -44.12 -3.33 -8.12
N GLY A 11 -44.12 -4.66 -8.34
CA GLY A 11 -44.69 -5.25 -9.52
C GLY A 11 -45.83 -6.19 -9.18
N LYS A 12 -46.56 -6.60 -10.22
CA LYS A 12 -47.65 -7.56 -10.05
C LYS A 12 -47.13 -8.85 -9.46
N GLY A 13 -47.87 -9.40 -8.50
CA GLY A 13 -47.43 -10.64 -7.86
C GLY A 13 -48.41 -11.04 -6.79
N ARG A 14 -48.16 -12.24 -6.24
CA ARG A 14 -49.04 -12.78 -5.21
C ARG A 14 -48.69 -12.28 -3.82
N TYR A 15 -47.42 -11.93 -3.58
CA TYR A 15 -46.96 -11.31 -2.34
C TYR A 15 -47.36 -12.15 -1.11
N TYR A 16 -46.87 -13.39 -1.09
CA TYR A 16 -47.16 -14.26 0.03
C TYR A 16 -46.46 -13.74 1.29
N GLU A 17 -46.98 -14.14 2.45
CA GLU A 17 -46.41 -13.71 3.70
C GLU A 17 -45.14 -14.49 4.00
N THR A 18 -44.12 -13.79 4.48
CA THR A 18 -42.77 -14.35 4.58
C THR A 18 -42.16 -13.99 5.93
N PHE A 19 -41.43 -14.95 6.50
CA PHE A 19 -40.62 -14.72 7.70
C PHE A 19 -39.23 -14.29 7.24
N TYR A 20 -39.04 -12.99 7.10
CA TYR A 20 -37.73 -12.45 6.76
C TYR A 20 -36.85 -12.35 7.98
N TYR A 21 -35.60 -12.80 7.85
CA TYR A 21 -34.58 -12.60 8.86
C TYR A 21 -33.31 -12.13 8.16
N SER A 22 -32.55 -11.29 8.86
CA SER A 22 -31.19 -11.02 8.40
C SER A 22 -30.35 -12.27 8.64
N ILE A 23 -29.64 -12.72 7.61
CA ILE A 23 -28.88 -13.95 7.71
C ILE A 23 -27.79 -13.83 8.77
N GLU A 24 -27.39 -12.60 9.12
CA GLU A 24 -26.46 -12.40 10.22
C GLU A 24 -27.14 -12.71 11.56
N HIS A 25 -28.35 -12.19 11.76
CA HIS A 25 -29.10 -12.41 13.00
C HIS A 25 -30.38 -13.17 12.65
N SER A 26 -30.29 -14.50 12.66
CA SER A 26 -31.48 -15.32 12.48
C SER A 26 -32.44 -15.23 13.66
N GLU A 27 -31.99 -14.64 14.77
CA GLU A 27 -32.87 -14.45 15.92
C GLU A 27 -34.08 -13.61 15.56
N LYS A 28 -33.85 -12.39 15.08
CA LYS A 28 -34.94 -11.50 14.71
C LYS A 28 -35.54 -11.96 13.39
N MET A 29 -36.79 -12.43 13.44
CA MET A 29 -37.58 -12.69 12.25
C MET A 29 -38.79 -11.76 12.23
N VAL A 30 -39.09 -11.22 11.06
CA VAL A 30 -40.21 -10.31 10.87
C VAL A 30 -41.13 -10.91 9.81
N LYS A 31 -42.37 -11.20 10.18
CA LYS A 31 -43.33 -11.79 9.25
C LYS A 31 -44.10 -10.66 8.60
N LYS A 32 -43.79 -10.39 7.32
CA LYS A 32 -44.48 -9.38 6.53
C LYS A 32 -44.59 -9.90 5.10
N ARG A 33 -45.10 -9.04 4.23
CA ARG A 33 -45.24 -9.36 2.81
C ARG A 33 -44.14 -8.73 1.96
N LEU A 34 -43.74 -7.49 2.26
CA LEU A 34 -42.71 -6.80 1.51
C LEU A 34 -41.38 -6.90 2.27
N SER A 35 -40.36 -7.39 1.58
CA SER A 35 -39.00 -7.33 2.10
C SER A 35 -38.57 -5.92 2.50
N PRO A 36 -38.85 -4.85 1.73
CA PRO A 36 -38.49 -3.51 2.23
C PRO A 36 -39.13 -3.16 3.56
N LEU A 37 -40.37 -3.58 3.81
CA LEU A 37 -40.98 -3.34 5.11
C LEU A 37 -40.24 -4.07 6.22
N ALA A 38 -39.86 -5.32 5.98
CA ALA A 38 -39.12 -6.07 6.98
C ALA A 38 -37.77 -5.41 7.29
N ASN A 39 -37.08 -4.95 6.23
CA ASN A 39 -35.81 -4.27 6.43
C ASN A 39 -36.00 -2.96 7.19
N ALA A 40 -37.07 -2.22 6.87
CA ALA A 40 -37.36 -0.98 7.57
C ALA A 40 -37.66 -1.23 9.04
N ILE A 41 -38.37 -2.31 9.35
CA ILE A 41 -38.65 -2.63 10.74
C ILE A 41 -37.37 -3.02 11.46
N LEU A 42 -36.53 -3.85 10.83
CA LEU A 42 -35.27 -4.21 11.43
C LEU A 42 -34.38 -3.00 11.66
N GLU A 43 -34.54 -1.95 10.85
CA GLU A 43 -33.74 -0.75 11.05
C GLU A 43 -34.33 0.22 12.07
N LYS A 44 -35.66 0.33 12.14
CA LYS A 44 -36.26 1.17 13.16
C LYS A 44 -36.12 0.56 14.55
N GLU A 45 -36.03 -0.77 14.62
CA GLU A 45 -35.70 -1.40 15.89
C GLU A 45 -34.27 -1.12 16.30
N ASN A 46 -33.44 -0.58 15.40
CA ASN A 46 -32.09 -0.13 15.70
C ASN A 46 -32.03 1.36 16.03
N GLY A 47 -33.18 2.00 16.21
CA GLY A 47 -33.23 3.42 16.51
C GLY A 47 -32.77 4.32 15.39
N ASN A 48 -33.20 4.04 14.16
CA ASN A 48 -32.84 4.84 13.00
C ASN A 48 -34.10 5.42 12.36
N ASP A 49 -33.88 6.37 11.48
CA ASP A 49 -34.96 7.01 10.73
C ASP A 49 -35.00 6.42 9.33
N VAL A 50 -36.13 5.79 8.99
CA VAL A 50 -36.21 4.94 7.80
C VAL A 50 -37.35 5.42 6.91
N GLU A 51 -37.13 5.37 5.59
CA GLU A 51 -38.15 5.73 4.60
C GLU A 51 -38.03 4.81 3.40
N ILE A 52 -39.18 4.39 2.87
CA ILE A 52 -39.24 3.49 1.72
C ILE A 52 -39.88 4.21 0.54
N ILE A 53 -39.29 4.03 -0.65
CA ILE A 53 -39.82 4.59 -1.88
C ILE A 53 -39.97 3.48 -2.89
N PHE A 54 -41.15 3.36 -3.49
CA PHE A 54 -41.45 2.33 -4.48
C PHE A 54 -41.52 2.95 -5.86
N PHE A 55 -41.01 2.22 -6.85
CA PHE A 55 -41.14 2.61 -8.25
C PHE A 55 -42.23 1.77 -8.90
N VAL A 56 -43.35 2.41 -9.20
CA VAL A 56 -44.50 1.75 -9.78
C VAL A 56 -44.69 2.26 -11.20
N THR A 57 -45.34 1.46 -12.03
CA THR A 57 -45.65 1.84 -13.39
C THR A 57 -47.15 1.99 -13.56
N ASN A 58 -47.54 2.84 -14.51
CA ASN A 58 -48.96 2.99 -14.85
C ASN A 58 -49.60 1.63 -15.13
N GLU A 59 -48.90 0.77 -15.85
CA GLU A 59 -49.43 -0.56 -16.12
C GLU A 59 -49.64 -1.35 -14.84
N VAL A 60 -48.91 -1.03 -13.78
CA VAL A 60 -49.02 -1.80 -12.55
C VAL A 60 -50.05 -1.20 -11.60
N LYS A 61 -50.05 0.12 -11.41
CA LYS A 61 -50.89 0.65 -10.35
C LYS A 61 -52.33 0.92 -10.78
N ASN A 62 -52.58 1.33 -12.03
CA ASN A 62 -53.95 1.44 -12.51
C ASN A 62 -54.41 0.19 -13.26
N GLU A 63 -53.75 -0.94 -13.06
CA GLU A 63 -54.24 -2.23 -13.51
C GLU A 63 -54.13 -3.35 -12.49
N PHE A 64 -53.23 -3.25 -11.51
CA PHE A 64 -53.09 -4.26 -10.48
C PHE A 64 -53.40 -3.73 -9.08
N LEU A 65 -52.71 -2.68 -8.62
CA LEU A 65 -52.78 -2.29 -7.22
C LEU A 65 -54.21 -1.97 -6.80
N TYR A 66 -54.87 -1.09 -7.54
CA TYR A 66 -56.19 -0.61 -7.16
C TYR A 66 -57.30 -1.39 -7.84
N ASP A 67 -57.01 -2.58 -8.32
CA ASP A 67 -58.02 -3.54 -8.73
C ASP A 67 -58.57 -4.18 -7.45
N GLU A 68 -59.79 -3.80 -7.06
CA GLU A 68 -60.36 -4.19 -5.78
C GLU A 68 -60.82 -5.64 -5.72
N ASN A 69 -60.85 -6.35 -6.85
CA ASN A 69 -61.21 -7.76 -6.86
C ASN A 69 -60.03 -8.64 -7.26
N ASN A 70 -58.82 -8.23 -6.86
CA ASN A 70 -57.63 -9.08 -6.93
C ASN A 70 -57.17 -9.25 -5.48
N GLU A 71 -57.30 -10.46 -4.95
CA GLU A 71 -57.04 -10.68 -3.53
C GLU A 71 -55.60 -10.33 -3.16
N TYR A 72 -54.65 -10.71 -4.01
CA TYR A 72 -53.24 -10.42 -3.74
C TYR A 72 -53.00 -8.91 -3.73
N ALA A 73 -53.65 -8.19 -4.65
CA ALA A 73 -53.48 -6.75 -4.74
C ALA A 73 -53.98 -6.05 -3.49
N LYS A 74 -55.17 -6.42 -3.01
CA LYS A 74 -55.68 -5.79 -1.80
C LYS A 74 -54.87 -6.19 -0.57
N ASN A 75 -54.33 -7.41 -0.55
CA ASN A 75 -53.42 -7.78 0.54
C ASN A 75 -52.22 -6.85 0.57
N ILE A 76 -51.55 -6.69 -0.56
CA ILE A 76 -50.36 -5.87 -0.58
C ILE A 76 -50.72 -4.40 -0.33
N LEU A 77 -51.91 -3.98 -0.75
CA LEU A 77 -52.37 -2.62 -0.47
C LEU A 77 -52.55 -2.41 1.04
N ASN A 78 -53.16 -3.38 1.71
CA ASN A 78 -53.35 -3.24 3.15
C ASN A 78 -52.01 -3.18 3.86
N GLU A 79 -51.04 -3.97 3.41
CA GLU A 79 -49.71 -3.87 4.02
C GLU A 79 -49.07 -2.51 3.76
N LEU A 80 -49.15 -2.01 2.52
CA LEU A 80 -48.60 -0.70 2.21
C LEU A 80 -49.30 0.41 2.99
N ASN A 81 -50.55 0.19 3.39
CA ASN A 81 -51.27 1.18 4.20
C ASN A 81 -50.88 1.09 5.67
N GLU A 82 -50.62 -0.11 6.18
CA GLU A 82 -50.23 -0.24 7.58
C GLU A 82 -48.73 0.01 7.79
N ILE A 83 -47.96 0.21 6.72
CA ILE A 83 -46.55 0.58 6.88
C ILE A 83 -46.40 1.84 7.71
N LYS A 84 -47.32 2.80 7.54
CA LYS A 84 -47.22 4.07 8.24
C LYS A 84 -47.37 3.94 9.75
N ASN A 85 -47.95 2.84 10.23
CA ASN A 85 -48.17 2.66 11.66
C ASN A 85 -46.89 2.33 12.41
N TYR A 86 -45.90 1.72 11.75
CA TYR A 86 -44.64 1.39 12.39
C TYR A 86 -43.72 2.58 12.54
N GLY A 87 -44.07 3.73 11.99
CA GLY A 87 -43.19 4.88 11.99
C GLY A 87 -42.30 4.96 10.79
N ILE A 88 -42.74 4.46 9.64
CA ILE A 88 -41.95 4.42 8.42
C ILE A 88 -42.67 5.20 7.33
N LYS A 89 -41.87 5.80 6.45
CA LYS A 89 -42.35 6.75 5.46
C LYS A 89 -42.38 6.07 4.08
N VAL A 90 -43.56 6.09 3.44
CA VAL A 90 -43.77 5.38 2.19
C VAL A 90 -44.22 6.36 1.12
N SER A 91 -43.68 6.21 -0.08
CA SER A 91 -44.02 7.09 -1.19
C SER A 91 -43.84 6.33 -2.51
N TYR A 92 -44.41 6.89 -3.57
CA TYR A 92 -44.48 6.21 -4.86
C TYR A 92 -43.87 7.11 -5.93
N ARG A 93 -43.28 6.48 -6.95
CA ARG A 93 -42.58 7.21 -8.01
C ARG A 93 -42.84 6.53 -9.35
N ASP A 94 -43.46 7.25 -10.28
CA ASP A 94 -43.81 6.68 -11.57
C ASP A 94 -42.59 6.54 -12.47
N ILE A 95 -42.52 5.40 -13.15
CA ILE A 95 -41.49 5.15 -14.16
C ILE A 95 -42.10 4.34 -15.30
N PRO A 96 -41.47 4.37 -16.46
CA PRO A 96 -41.89 3.48 -17.55
C PRO A 96 -41.46 2.05 -17.28
N LYS A 97 -41.85 1.12 -18.14
CA LYS A 97 -41.45 -0.26 -17.96
C LYS A 97 -40.00 -0.51 -18.37
N GLY A 98 -39.40 0.40 -19.13
CA GLY A 98 -38.03 0.23 -19.59
C GLY A 98 -37.94 -0.68 -20.79
N LYS A 99 -38.72 -0.39 -21.83
CA LYS A 99 -38.76 -1.25 -23.01
C LYS A 99 -37.64 -0.97 -24.00
N ASN A 100 -36.84 0.07 -23.78
CA ASN A 100 -35.74 0.40 -24.67
C ASN A 100 -34.71 1.22 -23.91
N TYR A 101 -33.57 1.49 -24.57
CA TYR A 101 -32.46 2.14 -23.90
C TYR A 101 -32.80 3.57 -23.48
N GLU A 102 -33.67 4.24 -24.24
CA GLU A 102 -34.09 5.58 -23.84
C GLU A 102 -34.85 5.54 -22.51
N GLU A 103 -35.76 4.57 -22.35
CA GLU A 103 -36.51 4.45 -21.11
C GLU A 103 -35.63 3.99 -19.96
N LEU A 104 -34.63 3.15 -20.23
CA LEU A 104 -33.68 2.77 -19.20
C LEU A 104 -32.83 3.97 -18.78
N GLU A 105 -32.49 4.84 -19.73
CA GLU A 105 -31.81 6.08 -19.39
C GLU A 105 -32.69 6.93 -18.48
N ILE A 106 -33.98 7.00 -18.79
CA ILE A 106 -34.94 7.72 -17.95
C ILE A 106 -34.92 7.15 -16.53
N ILE A 107 -34.92 5.83 -16.41
CA ILE A 107 -34.92 5.18 -15.10
C ILE A 107 -33.64 5.50 -14.34
N MET A 108 -32.50 5.46 -15.02
CA MET A 108 -31.24 5.86 -14.40
C MET A 108 -31.31 7.28 -13.88
N GLU A 109 -31.88 8.19 -14.66
CA GLU A 109 -32.03 9.58 -14.20
C GLU A 109 -32.91 9.66 -12.97
N GLU A 110 -34.00 8.87 -12.93
CA GLU A 110 -34.89 8.90 -11.77
C GLU A 110 -34.16 8.45 -10.51
N ILE A 111 -33.44 7.32 -10.59
CA ILE A 111 -32.69 6.83 -9.43
C ILE A 111 -31.63 7.83 -9.01
N GLU A 112 -30.92 8.40 -9.99
CA GLU A 112 -29.85 9.35 -9.72
C GLU A 112 -30.39 10.60 -9.02
N LYS A 113 -31.55 11.10 -9.47
CA LYS A 113 -32.14 12.27 -8.84
C LYS A 113 -32.65 11.96 -7.44
N LEU A 114 -33.15 10.74 -7.22
CA LEU A 114 -33.52 10.34 -5.87
C LEU A 114 -32.31 10.34 -4.94
N LEU A 115 -31.21 9.74 -5.39
CA LEU A 115 -30.01 9.71 -4.54
C LEU A 115 -29.46 11.10 -4.29
N LEU A 116 -29.58 12.01 -5.27
CA LEU A 116 -29.15 13.39 -5.04
C LEU A 116 -30.06 14.10 -4.04
N ASP A 117 -31.37 13.83 -4.09
CA ASP A 117 -32.29 14.49 -3.18
C ASP A 117 -32.36 13.86 -1.79
N PHE A 118 -31.70 12.72 -1.58
CA PHE A 118 -31.66 12.13 -0.26
C PHE A 118 -30.66 12.88 0.61
N LYS A 119 -31.07 13.18 1.85
CA LYS A 119 -30.26 13.96 2.77
C LYS A 119 -29.94 13.19 4.05
N GLY A 120 -30.05 11.87 4.02
CA GLY A 120 -29.79 11.04 5.17
C GLY A 120 -28.41 10.44 5.14
N ASN A 121 -28.28 9.28 5.80
CA ASN A 121 -27.00 8.59 5.95
C ASN A 121 -26.85 7.36 5.09
N LYS A 122 -27.90 6.54 4.94
CA LYS A 122 -27.77 5.26 4.25
C LYS A 122 -28.90 5.07 3.25
N VAL A 123 -28.59 4.37 2.17
CA VAL A 123 -29.56 4.01 1.13
C VAL A 123 -29.40 2.53 0.83
N ILE A 124 -30.52 1.81 0.81
CA ILE A 124 -30.54 0.37 0.60
C ILE A 124 -31.40 0.07 -0.62
N PHE A 125 -30.81 -0.57 -1.62
CA PHE A 125 -31.55 -1.07 -2.77
C PHE A 125 -32.06 -2.46 -2.43
N ASP A 126 -33.38 -2.59 -2.29
CA ASP A 126 -34.01 -3.86 -1.99
C ASP A 126 -34.56 -4.42 -3.29
N LEU A 127 -33.88 -5.42 -3.84
CA LEU A 127 -34.19 -5.95 -5.16
C LEU A 127 -35.12 -7.17 -5.09
N THR A 128 -35.88 -7.32 -4.00
CA THR A 128 -36.75 -8.47 -3.85
C THR A 128 -37.93 -8.40 -4.83
N HIS A 129 -38.57 -7.25 -4.91
CA HIS A 129 -39.81 -7.11 -5.66
C HIS A 129 -39.58 -6.32 -6.93
N GLY A 130 -40.52 -6.49 -7.87
CA GLY A 130 -40.45 -5.84 -9.16
C GLY A 130 -40.03 -6.82 -10.23
N LEU A 131 -39.84 -6.28 -11.44
CA LEU A 131 -39.47 -7.10 -12.58
C LEU A 131 -38.06 -7.67 -12.40
N ARG A 132 -37.85 -8.86 -12.95
CA ARG A 132 -36.50 -9.40 -13.06
C ARG A 132 -35.62 -8.46 -13.87
N HIS A 133 -36.16 -7.95 -14.98
CA HIS A 133 -35.60 -6.88 -15.78
C HIS A 133 -35.00 -5.75 -14.93
N MET A 134 -35.83 -5.16 -14.08
CA MET A 134 -35.42 -4.03 -13.28
C MET A 134 -34.38 -4.41 -12.24
N ALA A 135 -34.52 -5.59 -11.64
CA ALA A 135 -33.54 -6.05 -10.66
C ALA A 135 -32.16 -6.20 -11.29
N ILE A 136 -32.11 -6.81 -12.48
CA ILE A 136 -30.83 -7.00 -13.16
C ILE A 136 -30.21 -5.65 -13.51
N PHE A 137 -31.02 -4.75 -14.09
CA PHE A 137 -30.48 -3.47 -14.51
C PHE A 137 -29.97 -2.66 -13.32
N THR A 138 -30.72 -2.65 -12.22
CA THR A 138 -30.29 -1.94 -11.02
C THR A 138 -29.02 -2.54 -10.44
N SER A 139 -28.96 -3.87 -10.37
CA SER A 139 -27.76 -4.51 -9.84
C SER A 139 -26.54 -4.13 -10.66
N SER A 140 -26.69 -4.07 -11.98
CA SER A 140 -25.56 -3.66 -12.82
C SER A 140 -25.20 -2.18 -12.59
N THR A 141 -26.20 -1.32 -12.39
CA THR A 141 -25.97 0.12 -12.34
C THR A 141 -25.55 0.65 -10.98
N VAL A 142 -25.66 -0.16 -9.92
CA VAL A 142 -25.41 0.36 -8.57
C VAL A 142 -23.96 0.83 -8.41
N PHE A 143 -23.00 0.07 -8.96
CA PHE A 143 -21.60 0.47 -8.79
C PHE A 143 -21.34 1.82 -9.47
N TYR A 144 -21.92 2.01 -10.65
CA TYR A 144 -21.84 3.30 -11.32
C TYR A 144 -22.44 4.39 -10.45
N PHE A 145 -23.57 4.11 -9.79
CA PHE A 145 -24.19 5.11 -8.94
C PHE A 145 -23.29 5.49 -7.77
N LYS A 146 -22.66 4.49 -7.13
CA LYS A 146 -21.73 4.77 -6.03
C LYS A 146 -20.55 5.60 -6.49
N ASN A 147 -19.91 5.20 -7.60
CA ASN A 147 -18.78 5.96 -8.09
C ASN A 147 -19.20 7.39 -8.44
N LEU A 148 -20.40 7.54 -9.00
CA LEU A 148 -20.94 8.86 -9.31
C LEU A 148 -21.04 9.72 -8.06
N MET A 149 -21.63 9.17 -6.99
CA MET A 149 -22.00 9.97 -5.84
C MET A 149 -20.98 9.89 -4.72
N GLU A 150 -19.79 9.37 -5.01
CA GLU A 150 -18.68 9.52 -4.07
C GLU A 150 -18.38 10.99 -3.78
N LYS A 151 -18.42 11.83 -4.81
CA LYS A 151 -18.13 13.26 -4.67
C LYS A 151 -19.39 14.11 -4.63
N ALA A 152 -20.56 13.51 -4.45
CA ALA A 152 -21.84 14.21 -4.51
C ALA A 152 -22.54 14.24 -3.17
N ASN A 153 -22.78 13.09 -2.55
CA ASN A 153 -23.59 13.01 -1.34
C ASN A 153 -22.89 12.39 -0.15
N LYS A 154 -21.79 11.64 -0.35
CA LYS A 154 -21.15 10.89 0.72
C LYS A 154 -22.15 9.98 1.42
N LEU A 155 -22.71 9.07 0.63
CA LEU A 155 -23.85 8.27 1.02
C LEU A 155 -23.47 6.79 1.06
N GLU A 156 -23.76 6.14 2.17
CA GLU A 156 -23.58 4.69 2.27
C GLU A 156 -24.66 3.98 1.44
N MET A 157 -24.24 2.95 0.70
CA MET A 157 -25.14 2.26 -0.21
C MET A 157 -25.05 0.76 0.00
N LYS A 158 -26.21 0.12 0.15
CA LYS A 158 -26.34 -1.31 0.38
C LYS A 158 -27.20 -1.92 -0.71
N ILE A 159 -26.94 -3.20 -1.01
CA ILE A 159 -27.78 -3.98 -1.91
C ILE A 159 -28.22 -5.22 -1.15
N VAL A 160 -29.52 -5.34 -0.90
CA VAL A 160 -30.04 -6.53 -0.25
C VAL A 160 -31.27 -7.02 -1.00
N TYR A 161 -31.58 -8.30 -0.82
CA TYR A 161 -32.88 -8.76 -1.27
C TYR A 161 -33.23 -10.05 -0.56
N GLY A 162 -34.53 -10.30 -0.41
CA GLY A 162 -35.01 -11.56 0.07
C GLY A 162 -34.88 -12.63 -0.97
N ALA A 163 -33.97 -13.59 -0.72
CA ALA A 163 -33.75 -14.71 -1.63
C ALA A 163 -34.79 -15.77 -1.34
N TYR A 164 -36.02 -15.50 -1.80
CA TYR A 164 -37.14 -16.38 -1.48
C TYR A 164 -37.07 -17.71 -2.21
N GLU A 165 -36.27 -17.81 -3.27
CA GLU A 165 -36.16 -19.08 -3.97
C GLU A 165 -35.35 -20.11 -3.20
N ILE A 166 -34.56 -19.67 -2.22
CA ILE A 166 -33.74 -20.56 -1.39
C ILE A 166 -34.23 -20.56 0.06
N GLY A 167 -35.49 -20.20 0.28
CA GLY A 167 -36.03 -20.11 1.63
C GLY A 167 -36.62 -21.42 2.12
N GLU A 168 -36.46 -21.67 3.42
CA GLU A 168 -37.08 -22.82 4.05
C GLU A 168 -38.59 -22.70 3.93
N GLU A 169 -39.29 -23.82 3.81
CA GLU A 169 -40.75 -23.79 3.76
C GLU A 169 -41.28 -24.38 5.05
N ILE A 170 -41.92 -23.55 5.87
CA ILE A 170 -42.36 -23.98 7.19
C ILE A 170 -43.81 -24.44 7.19
N GLU A 171 -44.68 -23.73 6.46
CA GLU A 171 -46.07 -24.12 6.31
C GLU A 171 -46.49 -23.84 4.87
N LYS A 172 -47.76 -24.12 4.58
CA LYS A 172 -48.29 -23.99 3.23
C LYS A 172 -48.09 -22.56 2.73
N ASN A 173 -47.24 -22.39 1.72
CA ASN A 173 -46.90 -21.11 1.11
C ASN A 173 -46.16 -20.18 2.07
N LEU A 174 -45.82 -20.63 3.27
CA LEU A 174 -45.14 -19.80 4.25
C LEU A 174 -43.66 -20.18 4.27
N LYS A 175 -42.80 -19.18 4.05
CA LYS A 175 -41.37 -19.42 3.87
C LYS A 175 -40.54 -18.57 4.80
N LYS A 176 -39.48 -19.18 5.32
CA LYS A 176 -38.43 -18.54 6.08
C LYS A 176 -37.33 -18.15 5.10
N VAL A 177 -37.24 -16.85 4.80
CA VAL A 177 -36.44 -16.35 3.70
C VAL A 177 -35.35 -15.45 4.28
N PRO A 178 -34.08 -15.64 3.90
CA PRO A 178 -33.02 -14.73 4.34
C PRO A 178 -32.88 -13.52 3.43
N ILE A 179 -32.71 -12.36 4.08
CA ILE A 179 -32.38 -11.13 3.37
C ILE A 179 -30.88 -11.17 3.11
N LEU A 180 -30.50 -11.58 1.90
CA LEU A 180 -29.10 -11.65 1.55
C LEU A 180 -28.56 -10.25 1.26
N ASP A 181 -27.26 -10.08 1.52
CA ASP A 181 -26.56 -8.80 1.47
C ASP A 181 -25.37 -8.97 0.54
N ILE A 182 -25.53 -8.57 -0.72
CA ILE A 182 -24.47 -8.71 -1.71
C ILE A 182 -23.69 -7.40 -1.90
N THR A 183 -23.76 -6.50 -0.91
CA THR A 183 -23.02 -5.24 -1.00
C THR A 183 -21.51 -5.48 -1.08
N GLN A 184 -21.03 -6.62 -0.58
CA GLN A 184 -19.61 -6.91 -0.70
C GLN A 184 -19.17 -7.05 -2.15
N THR A 185 -20.10 -7.29 -3.07
CA THR A 185 -19.73 -7.38 -4.48
C THR A 185 -19.36 -6.00 -5.03
N LEU A 186 -19.92 -4.94 -4.46
CA LEU A 186 -19.58 -3.59 -4.90
C LEU A 186 -18.09 -3.31 -4.76
N GLU A 187 -17.55 -3.54 -3.57
CA GLU A 187 -16.13 -3.33 -3.32
C GLU A 187 -15.31 -4.58 -3.65
N LEU A 188 -15.79 -5.41 -4.57
CA LEU A 188 -14.97 -6.50 -5.09
C LEU A 188 -14.11 -6.04 -6.25
N SER A 189 -14.65 -5.17 -7.10
CA SER A 189 -13.89 -4.60 -8.21
C SER A 189 -12.98 -3.46 -7.79
N ASP A 190 -13.29 -2.79 -6.68
CA ASP A 190 -12.37 -1.81 -6.11
C ASP A 190 -11.03 -2.46 -5.77
N LEU A 191 -11.06 -3.75 -5.43
CA LEU A 191 -9.83 -4.49 -5.17
C LEU A 191 -8.91 -4.47 -6.39
N THR A 192 -9.45 -4.85 -7.56
CA THR A 192 -8.64 -4.86 -8.76
C THR A 192 -8.29 -3.44 -9.21
N ILE A 193 -9.16 -2.47 -8.94
CA ILE A 193 -8.82 -1.07 -9.20
C ILE A 193 -7.54 -0.70 -8.47
N ALA A 194 -7.49 -1.04 -7.17
CA ALA A 194 -6.28 -0.80 -6.38
C ALA A 194 -5.08 -1.55 -6.96
N LEU A 195 -5.29 -2.79 -7.40
CA LEU A 195 -4.19 -3.57 -7.95
C LEU A 195 -3.59 -2.91 -9.18
N GLU A 196 -4.43 -2.49 -10.13
CA GLU A 196 -3.90 -1.80 -11.30
C GLU A 196 -3.21 -0.50 -10.92
N GLU A 197 -3.83 0.29 -10.02
CA GLU A 197 -3.22 1.56 -9.63
C GLU A 197 -1.82 1.36 -9.08
N PHE A 198 -1.67 0.40 -8.16
CA PHE A 198 -0.36 0.17 -7.57
C PHE A 198 0.62 -0.45 -8.57
N GLU A 199 0.15 -1.42 -9.37
CA GLU A 199 1.07 -2.13 -10.26
C GLU A 199 1.60 -1.23 -11.36
N ARG A 200 0.82 -0.25 -11.81
CA ARG A 200 1.29 0.61 -12.89
C ARG A 200 1.82 1.95 -12.42
N TYR A 201 1.38 2.46 -11.27
CA TYR A 201 1.82 3.79 -10.83
C TYR A 201 2.33 3.84 -9.41
N GLY A 202 2.12 2.81 -8.59
CA GLY A 202 2.51 2.86 -7.20
C GLY A 202 1.73 3.87 -6.38
N ILE A 203 0.40 3.89 -6.55
CA ILE A 203 -0.48 4.77 -5.78
C ILE A 203 -1.13 3.93 -4.68
N THR A 204 -1.07 4.44 -3.45
CA THR A 204 -1.49 3.69 -2.28
C THR A 204 -2.87 4.10 -1.75
N GLU A 205 -3.53 5.08 -2.36
CA GLU A 205 -4.81 5.56 -1.82
C GLU A 205 -5.83 4.42 -1.76
N ARG A 206 -6.06 3.79 -2.91
CA ARG A 206 -6.97 2.65 -2.95
C ARG A 206 -6.49 1.53 -2.02
N MET A 207 -5.18 1.30 -1.99
CA MET A 207 -4.64 0.22 -1.16
C MET A 207 -4.88 0.49 0.31
N ILE A 208 -4.64 1.72 0.76
CA ILE A 208 -4.84 2.06 2.17
C ILE A 208 -6.31 1.91 2.55
N ILE A 209 -7.21 2.45 1.71
CA ILE A 209 -8.64 2.38 2.01
C ILE A 209 -9.10 0.93 2.06
N VAL A 210 -8.68 0.13 1.09
CA VAL A 210 -9.09 -1.27 1.03
C VAL A 210 -8.57 -2.05 2.23
N LEU A 211 -7.32 -1.79 2.63
CA LEU A 211 -6.77 -2.50 3.77
C LEU A 211 -7.51 -2.15 5.05
N LYS A 212 -7.88 -0.87 5.22
CA LYS A 212 -8.66 -0.49 6.39
C LYS A 212 -10.01 -1.19 6.41
N ASN A 213 -10.68 -1.25 5.24
CA ASN A 213 -11.95 -1.97 5.14
C ASN A 213 -11.77 -3.45 5.46
N ILE A 214 -10.68 -4.04 4.98
CA ILE A 214 -10.41 -5.46 5.19
C ILE A 214 -10.25 -5.73 6.67
N GLN A 215 -9.50 -4.88 7.38
CA GLN A 215 -9.31 -5.11 8.80
C GLN A 215 -10.62 -4.93 9.56
N LYS A 216 -11.47 -3.97 9.15
CA LYS A 216 -12.80 -3.89 9.74
C LYS A 216 -13.56 -5.21 9.60
N ILE A 217 -13.64 -5.74 8.37
CA ILE A 217 -14.52 -6.89 8.17
C ILE A 217 -13.92 -8.17 8.76
N VAL A 218 -12.60 -8.26 8.89
CA VAL A 218 -12.03 -9.38 9.63
C VAL A 218 -12.18 -9.18 11.14
N ALA A 219 -12.41 -7.95 11.60
CA ALA A 219 -12.75 -7.70 12.99
C ALA A 219 -14.24 -7.83 13.27
N LYS A 220 -15.06 -8.06 12.24
CA LYS A 220 -16.48 -8.37 12.47
C LYS A 220 -16.64 -9.51 13.47
N ASN A 221 -16.13 -10.70 13.14
CA ASN A 221 -16.09 -11.81 14.07
C ASN A 221 -14.67 -11.94 14.60
N LYS A 222 -14.54 -12.07 15.92
CA LYS A 222 -13.29 -11.83 16.64
C LYS A 222 -12.41 -13.06 16.74
N LEU A 223 -12.60 -14.06 15.88
CA LEU A 223 -11.75 -15.24 15.96
C LEU A 223 -10.30 -14.92 15.62
N CYS A 224 -10.07 -13.87 14.83
CA CYS A 224 -8.73 -13.47 14.42
C CYS A 224 -8.27 -12.30 15.27
N ASN A 225 -7.10 -12.44 15.88
CA ASN A 225 -6.57 -11.44 16.80
C ASN A 225 -5.49 -10.59 16.13
N LEU A 226 -5.03 -9.58 16.86
CA LEU A 226 -3.96 -8.70 16.38
C LEU A 226 -2.61 -9.26 16.82
N ASN A 227 -1.57 -8.42 16.76
CA ASN A 227 -0.14 -8.75 16.93
C ASN A 227 0.38 -9.47 15.70
N GLU A 228 -0.52 -9.89 14.81
CA GLU A 228 -0.13 -10.32 13.49
C GLU A 228 -1.13 -9.95 12.39
N LEU A 229 -2.23 -9.26 12.71
CA LEU A 229 -3.07 -8.71 11.66
C LEU A 229 -2.44 -7.44 11.09
N LYS A 230 -2.37 -6.40 11.92
CA LYS A 230 -1.63 -5.17 11.64
C LYS A 230 -1.84 -4.68 10.22
N PHE A 231 -3.04 -4.84 9.67
CA PHE A 231 -3.34 -4.22 8.39
C PHE A 231 -3.32 -2.70 8.49
N SER A 232 -3.66 -2.17 9.67
CA SER A 232 -3.43 -0.75 9.92
C SER A 232 -1.97 -0.39 9.75
N SER A 233 -1.08 -1.21 10.31
CA SER A 233 0.35 -0.98 10.16
C SER A 233 0.78 -1.09 8.70
N LEU A 234 0.21 -2.04 7.96
CA LEU A 234 0.57 -2.19 6.56
C LEU A 234 0.13 -0.99 5.74
N SER A 235 -1.08 -0.47 5.99
CA SER A 235 -1.54 0.72 5.29
C SER A 235 -0.67 1.92 5.62
N ARG A 236 -0.31 2.09 6.90
CA ARG A 236 0.58 3.20 7.28
C ARG A 236 1.95 3.07 6.61
N GLU A 237 2.47 1.84 6.52
CA GLU A 237 3.77 1.62 5.90
C GLU A 237 3.71 1.89 4.40
N LEU A 238 2.59 1.55 3.76
CA LEU A 238 2.42 1.90 2.35
C LEU A 238 2.40 3.41 2.14
N LYS A 239 1.70 4.13 3.04
CA LYS A 239 1.70 5.59 2.98
C LYS A 239 3.12 6.13 3.10
N LEU A 240 3.89 5.60 4.07
CA LEU A 240 5.26 6.03 4.25
C LEU A 240 6.10 5.71 3.01
N PHE A 241 5.88 4.55 2.41
CA PHE A 241 6.65 4.15 1.23
C PHE A 241 6.39 5.10 0.07
N GLU A 242 5.12 5.48 -0.14
CA GLU A 242 4.82 6.42 -1.20
C GLU A 242 5.45 7.78 -0.92
N GLU A 243 5.38 8.24 0.33
CA GLU A 243 6.04 9.51 0.68
C GLU A 243 7.54 9.42 0.47
N LEU A 244 8.13 8.23 0.69
CA LEU A 244 9.57 8.07 0.50
C LEU A 244 9.95 8.03 -0.97
N LEU A 245 9.08 7.52 -1.83
CA LEU A 245 9.42 7.42 -3.25
C LEU A 245 9.15 8.71 -4.01
N LYS A 246 7.95 9.30 -3.85
CA LYS A 246 7.67 10.52 -4.60
C LYS A 246 8.40 11.74 -4.05
N ILE A 247 8.98 11.63 -2.87
CA ILE A 247 9.92 12.61 -2.33
C ILE A 247 11.25 11.91 -2.13
N PRO A 248 12.22 12.11 -3.02
CA PRO A 248 13.44 11.29 -3.02
C PRO A 248 14.14 11.28 -1.67
N SER A 249 14.64 10.11 -1.29
CA SER A 249 15.11 9.84 0.06
C SER A 249 16.21 8.79 -0.01
N PRO A 250 17.02 8.67 1.05
CA PRO A 250 18.19 7.78 1.00
C PRO A 250 17.81 6.32 0.79
N PRO A 251 18.71 5.51 0.25
CA PRO A 251 18.41 4.09 0.07
C PRO A 251 18.13 3.35 1.37
N GLU A 252 18.64 3.83 2.50
CA GLU A 252 18.48 3.11 3.76
C GLU A 252 17.01 3.03 4.16
N LYS A 253 16.31 4.16 4.14
CA LYS A 253 14.90 4.17 4.48
C LYS A 253 14.06 3.39 3.48
N ILE A 254 14.44 3.42 2.20
CA ILE A 254 13.70 2.68 1.19
C ILE A 254 13.84 1.18 1.40
N ALA A 255 15.06 0.71 1.66
CA ALA A 255 15.27 -0.71 1.95
C ALA A 255 14.56 -1.13 3.22
N ASN A 256 14.58 -0.26 4.25
CA ASN A 256 13.86 -0.56 5.48
C ASN A 256 12.36 -0.65 5.24
N SER A 257 11.82 0.26 4.42
CA SER A 257 10.39 0.22 4.13
C SER A 257 10.02 -1.04 3.36
N ILE A 258 10.86 -1.45 2.41
CA ILE A 258 10.59 -2.67 1.65
C ILE A 258 10.66 -3.89 2.58
N TYR A 259 11.65 -3.93 3.47
CA TYR A 259 11.75 -5.02 4.44
C TYR A 259 10.54 -5.06 5.36
N LYS A 260 10.11 -3.89 5.84
CA LYS A 260 8.93 -3.81 6.69
C LYS A 260 7.69 -4.28 5.95
N ILE A 261 7.54 -3.86 4.69
CA ILE A 261 6.38 -4.26 3.90
C ILE A 261 6.36 -5.77 3.73
N ASN A 262 7.50 -6.36 3.40
CA ASN A 262 7.56 -7.82 3.24
C ASN A 262 7.23 -8.53 4.54
N ASP A 263 7.83 -8.09 5.66
CA ASP A 263 7.62 -8.77 6.93
C ASP A 263 6.15 -8.69 7.35
N ILE A 264 5.57 -7.48 7.32
CA ILE A 264 4.17 -7.32 7.69
C ILE A 264 3.27 -8.09 6.74
N LEU A 265 3.61 -8.13 5.45
CA LEU A 265 2.79 -8.83 4.48
C LEU A 265 2.72 -10.32 4.79
N GLU A 266 3.87 -10.98 4.91
CA GLU A 266 3.83 -12.42 5.18
C GLU A 266 3.25 -12.72 6.55
N SER A 267 3.55 -11.89 7.56
CA SER A 267 2.99 -12.11 8.89
C SER A 267 1.47 -12.01 8.86
N SER A 268 0.94 -10.96 8.23
CA SER A 268 -0.51 -10.78 8.18
C SER A 268 -1.20 -11.84 7.33
N ILE A 269 -0.54 -12.32 6.27
CA ILE A 269 -1.12 -13.38 5.47
C ILE A 269 -1.22 -14.68 6.28
N ARG A 270 -0.12 -15.06 6.96
CA ARG A 270 -0.16 -16.24 7.79
C ARG A 270 -1.24 -16.12 8.87
N GLU A 271 -1.35 -14.94 9.47
CA GLU A 271 -2.38 -14.73 10.50
C GLU A 271 -3.78 -14.86 9.90
N PHE A 272 -4.01 -14.25 8.74
CA PHE A 272 -5.33 -14.28 8.12
C PHE A 272 -5.72 -15.69 7.70
N LYS A 273 -4.73 -16.56 7.45
CA LYS A 273 -5.03 -17.91 7.01
C LYS A 273 -5.95 -18.65 7.99
N LEU A 274 -5.85 -18.34 9.29
CA LEU A 274 -6.60 -19.06 10.31
C LEU A 274 -7.82 -18.26 10.76
N CYS A 275 -8.83 -18.20 9.86
CA CYS A 275 -10.10 -17.58 10.22
C CYS A 275 -11.31 -18.28 9.59
N SER A 276 -11.17 -19.53 9.17
CA SER A 276 -12.27 -20.29 8.58
C SER A 276 -12.95 -19.53 7.43
N ASN A 281 -17.75 -17.65 4.74
CA ASN A 281 -18.27 -17.74 6.10
C ASN A 281 -19.46 -16.79 6.27
N LEU A 282 -19.21 -15.65 6.91
CA LEU A 282 -20.21 -14.59 7.01
C LEU A 282 -20.14 -13.63 5.83
N PHE A 283 -19.17 -13.79 4.95
CA PHE A 283 -18.94 -12.94 3.78
C PHE A 283 -17.92 -13.64 2.90
N PHE A 284 -17.52 -12.96 1.82
CA PHE A 284 -16.70 -13.60 0.79
C PHE A 284 -15.23 -13.56 1.20
N ILE A 285 -14.72 -14.70 1.67
CA ILE A 285 -13.33 -14.79 2.09
C ILE A 285 -12.39 -14.94 0.91
N LYS A 286 -12.76 -15.78 -0.06
CA LYS A 286 -11.85 -16.13 -1.15
C LYS A 286 -11.35 -14.92 -1.94
N PRO A 287 -12.19 -13.98 -2.38
CA PRO A 287 -11.66 -12.88 -3.20
C PRO A 287 -10.59 -12.06 -2.51
N ILE A 288 -10.69 -11.84 -1.20
CA ILE A 288 -9.67 -11.03 -0.53
C ILE A 288 -8.41 -11.84 -0.25
N GLN A 289 -8.53 -13.16 -0.12
CA GLN A 289 -7.33 -13.99 -0.11
C GLN A 289 -6.59 -13.89 -1.44
N LYS A 290 -7.34 -13.93 -2.55
CA LYS A 290 -6.74 -13.72 -3.86
C LYS A 290 -6.11 -12.33 -3.96
N PHE A 291 -6.77 -11.33 -3.36
CA PHE A 291 -6.24 -9.97 -3.36
C PHE A 291 -4.89 -9.90 -2.67
N LEU A 292 -4.80 -10.49 -1.47
CA LEU A 292 -3.52 -10.49 -0.75
C LEU A 292 -2.45 -11.27 -1.50
N VAL A 293 -2.82 -12.40 -2.12
CA VAL A 293 -1.86 -13.18 -2.89
C VAL A 293 -1.32 -12.36 -4.06
N ASP A 294 -2.20 -11.67 -4.77
CA ASP A 294 -1.79 -10.86 -5.91
C ASP A 294 -0.92 -9.69 -5.48
N PHE A 295 -1.26 -9.05 -4.36
CA PHE A 295 -0.45 -7.93 -3.90
C PHE A 295 0.92 -8.40 -3.43
N GLN A 296 0.99 -9.59 -2.80
CA GLN A 296 2.31 -10.14 -2.46
C GLN A 296 3.10 -10.47 -3.71
N LYS A 297 2.44 -10.99 -4.75
CA LYS A 297 3.12 -11.22 -6.03
C LYS A 297 3.75 -9.93 -6.55
N ILE A 298 2.96 -8.85 -6.58
CA ILE A 298 3.48 -7.59 -7.10
C ILE A 298 4.58 -7.02 -6.20
N VAL A 299 4.44 -7.17 -4.88
CA VAL A 299 5.46 -6.66 -3.96
C VAL A 299 6.78 -7.38 -4.17
N LEU A 300 6.76 -8.71 -4.19
CA LEU A 300 7.97 -9.47 -4.43
C LEU A 300 8.48 -9.36 -5.86
N GLU A 301 7.66 -8.85 -6.78
CA GLU A 301 8.07 -8.65 -8.16
C GLU A 301 8.80 -7.32 -8.37
N LYS A 302 8.15 -6.21 -7.99
CA LYS A 302 8.61 -4.88 -8.34
C LYS A 302 9.39 -4.18 -7.23
N LEU A 303 9.34 -4.67 -5.99
CA LEU A 303 10.08 -4.05 -4.91
C LEU A 303 11.29 -4.90 -4.60
N PRO A 304 12.52 -4.44 -4.86
CA PRO A 304 13.69 -5.27 -4.61
C PRO A 304 13.99 -5.38 -3.12
N LEU A 305 14.23 -6.60 -2.67
CA LEU A 305 14.51 -6.90 -1.27
C LEU A 305 16.01 -7.01 -1.03
N ASP A 306 16.45 -6.47 0.11
CA ASP A 306 17.77 -6.78 0.65
C ASP A 306 17.65 -6.64 2.16
N LYS A 307 17.44 -7.78 2.83
CA LYS A 307 17.09 -7.79 4.25
C LYS A 307 18.18 -7.20 5.14
N LYS A 308 19.40 -7.10 4.64
CA LYS A 308 20.58 -6.79 5.45
C LYS A 308 21.32 -5.59 4.88
N ILE A 309 20.60 -4.52 4.58
CA ILE A 309 21.18 -3.25 4.16
C ILE A 309 21.23 -2.25 5.30
N ASN A 310 20.19 -2.21 6.13
CA ASN A 310 20.05 -1.22 7.19
C ASN A 310 21.24 -1.16 8.12
N LYS A 311 22.10 -2.18 8.07
CA LYS A 311 23.25 -2.29 8.94
C LYS A 311 24.45 -1.49 8.46
N TYR A 312 24.34 -0.82 7.31
CA TYR A 312 25.45 -0.08 6.71
C TYR A 312 25.01 1.32 6.32
N SER A 313 24.30 2.01 7.22
CA SER A 313 23.62 3.24 6.86
C SER A 313 24.56 4.43 6.69
N ASN A 314 25.81 4.32 7.15
CA ASN A 314 26.70 5.48 7.23
C ASN A 314 27.72 5.53 6.10
N ILE A 315 27.74 4.53 5.21
CA ILE A 315 28.78 4.39 4.21
C ILE A 315 28.14 4.16 2.85
N ALA A 316 28.99 3.97 1.84
CA ALA A 316 28.59 3.65 0.47
C ALA A 316 29.16 2.30 0.09
N THR A 317 28.30 1.38 -0.35
CA THR A 317 28.68 0.03 -0.75
C THR A 317 28.18 -0.27 -2.16
N LEU A 318 28.55 -1.44 -2.67
CA LEU A 318 28.06 -1.91 -3.97
C LEU A 318 26.64 -2.43 -3.90
N GLU A 319 26.26 -3.00 -2.75
CA GLU A 319 24.89 -3.47 -2.57
C GLU A 319 23.90 -2.32 -2.70
N LYS A 320 24.23 -1.16 -2.14
CA LYS A 320 23.41 0.03 -2.33
C LYS A 320 23.34 0.43 -3.80
N VAL A 321 24.44 0.22 -4.54
CA VAL A 321 24.44 0.56 -5.97
C VAL A 321 23.44 -0.30 -6.72
N GLU A 322 23.49 -1.62 -6.52
CA GLU A 322 22.54 -2.49 -7.22
C GLU A 322 21.12 -2.25 -6.75
N PHE A 323 20.92 -1.98 -5.45
CA PHE A 323 19.60 -1.68 -4.93
C PHE A 323 19.02 -0.44 -5.59
N MET A 324 19.80 0.63 -5.69
CA MET A 324 19.32 1.83 -6.34
C MET A 324 19.15 1.63 -7.85
N LYS A 325 19.95 0.74 -8.44
CA LYS A 325 19.70 0.35 -9.83
C LYS A 325 18.28 -0.20 -10.00
N ASN A 326 17.92 -1.17 -9.17
CA ASN A 326 16.57 -1.72 -9.24
C ASN A 326 15.52 -0.68 -8.89
N ILE A 327 15.82 0.20 -7.93
CA ILE A 327 14.87 1.24 -7.53
C ILE A 327 14.60 2.21 -8.68
N ILE A 328 15.65 2.60 -9.40
CA ILE A 328 15.46 3.50 -10.53
C ILE A 328 14.71 2.80 -11.66
N LYS A 329 14.97 1.51 -11.86
CA LYS A 329 14.17 0.75 -12.83
C LYS A 329 12.68 0.80 -12.46
N LEU A 330 12.39 0.59 -11.17
CA LEU A 330 11.01 0.68 -10.69
C LEU A 330 10.44 2.07 -10.91
N LEU A 331 11.23 3.11 -10.62
CA LEU A 331 10.76 4.48 -10.80
C LEU A 331 10.44 4.77 -12.26
N ILE A 332 11.26 4.26 -13.17
CA ILE A 332 10.99 4.39 -14.60
C ILE A 332 9.68 3.69 -14.94
N ASN A 333 9.45 2.50 -14.38
CA ASN A 333 8.24 1.76 -14.69
C ASN A 333 6.99 2.53 -14.28
N TRP A 334 7.02 3.19 -13.12
CA TRP A 334 5.89 3.97 -12.65
C TRP A 334 5.85 5.38 -13.26
N LYS A 335 6.56 5.59 -14.37
CA LYS A 335 6.58 6.85 -15.10
C LYS A 335 7.07 8.02 -14.24
N MET A 336 7.78 7.73 -13.16
CA MET A 336 8.33 8.75 -12.27
C MET A 336 9.74 9.07 -12.74
N TYR A 337 9.83 9.92 -13.76
CA TYR A 337 11.09 10.10 -14.48
C TYR A 337 12.04 11.07 -13.76
N SER A 338 11.50 12.18 -13.26
CA SER A 338 12.34 13.19 -12.60
C SER A 338 13.04 12.60 -11.38
N GLU A 339 12.28 11.91 -10.53
CA GLU A 339 12.87 11.28 -9.36
C GLU A 339 13.92 10.24 -9.77
N ALA A 340 13.69 9.56 -10.88
CA ALA A 340 14.66 8.57 -11.37
C ALA A 340 15.98 9.24 -11.74
N VAL A 341 15.92 10.38 -12.44
CA VAL A 341 17.16 11.09 -12.80
C VAL A 341 17.89 11.54 -11.55
N ILE A 342 17.16 12.10 -10.59
CA ILE A 342 17.78 12.58 -9.35
C ILE A 342 18.48 11.45 -8.62
N HIS A 343 17.85 10.28 -8.54
CA HIS A 343 18.48 9.14 -7.87
C HIS A 343 19.69 8.63 -8.65
N LEU A 344 19.63 8.68 -9.99
CA LEU A 344 20.76 8.24 -10.80
C LEU A 344 22.02 9.04 -10.50
N ARG A 345 21.86 10.35 -10.31
CA ARG A 345 23.04 11.17 -10.03
C ARG A 345 23.79 10.68 -8.78
N GLU A 346 23.05 10.49 -7.68
CA GLU A 346 23.69 10.03 -6.44
C GLU A 346 24.22 8.62 -6.56
N LEU A 347 23.55 7.76 -7.34
CA LEU A 347 24.09 6.43 -7.57
C LEU A 347 25.45 6.49 -8.26
N LEU A 348 25.58 7.37 -9.25
CA LEU A 348 26.88 7.55 -9.91
C LEU A 348 27.93 8.08 -8.92
N ILE A 349 27.53 9.02 -8.06
CA ILE A 349 28.45 9.51 -7.03
C ILE A 349 28.96 8.35 -6.18
N ASP A 350 28.04 7.47 -5.75
CA ASP A 350 28.44 6.34 -4.92
C ASP A 350 29.38 5.39 -5.69
N ILE A 351 29.10 5.17 -6.97
CA ILE A 351 29.96 4.27 -7.75
C ILE A 351 31.38 4.81 -7.85
N LYS A 352 31.53 6.12 -8.08
CA LYS A 352 32.88 6.65 -8.17
C LYS A 352 33.56 6.72 -6.81
N LEU A 353 32.79 6.87 -5.73
CA LEU A 353 33.36 6.73 -4.40
C LEU A 353 33.93 5.32 -4.19
N ILE A 354 33.19 4.31 -4.65
CA ILE A 354 33.67 2.94 -4.56
C ILE A 354 34.94 2.76 -5.38
N GLU A 355 34.93 3.28 -6.61
CA GLU A 355 36.06 3.11 -7.51
C GLU A 355 37.29 3.90 -7.08
N ASN A 356 37.13 4.92 -6.23
CA ASN A 356 38.24 5.72 -5.75
C ASN A 356 38.52 5.53 -4.26
N GLY A 357 37.82 4.62 -3.60
CA GLY A 357 38.11 4.31 -2.20
C GLY A 357 37.85 5.43 -1.22
N LYS A 358 37.14 6.49 -1.64
CA LYS A 358 36.86 7.64 -0.79
C LYS A 358 35.52 7.51 -0.06
N TYR A 359 35.08 6.29 0.22
CA TYR A 359 33.73 6.00 0.69
C TYR A 359 33.51 6.31 2.17
N PHE A 360 34.44 7.01 2.83
CA PHE A 360 34.24 7.31 4.24
C PHE A 360 33.19 8.38 4.45
N TYR A 361 33.00 9.27 3.48
CA TYR A 361 32.20 10.47 3.64
C TYR A 361 30.88 10.37 2.87
N TYR A 362 30.26 9.19 2.88
CA TYR A 362 28.87 9.10 2.42
C TYR A 362 27.90 9.87 3.29
N ASN A 363 28.37 10.53 4.35
CA ASN A 363 27.56 11.44 5.14
C ASN A 363 28.12 12.86 5.14
N ASN A 364 28.95 13.19 4.17
CA ASN A 364 29.52 14.53 4.04
C ASN A 364 29.37 14.99 2.59
N LYS A 365 28.88 16.21 2.41
CA LYS A 365 28.48 16.69 1.09
C LYS A 365 29.58 17.46 0.35
N ASP A 366 30.46 18.15 1.07
CA ASP A 366 31.58 18.82 0.43
C ASP A 366 32.45 17.82 -0.32
N PHE A 367 32.72 16.67 0.29
CA PHE A 367 33.46 15.62 -0.38
C PHE A 367 32.71 15.10 -1.60
N ARG A 368 31.39 14.93 -1.46
CA ARG A 368 30.56 14.48 -2.57
C ARG A 368 30.72 15.40 -3.77
N GLU A 369 30.72 16.71 -3.54
CA GLU A 369 30.89 17.65 -4.65
C GLU A 369 32.32 17.61 -5.19
N LYS A 370 33.31 17.63 -4.28
CA LYS A 370 34.71 17.75 -4.68
C LYS A 370 35.14 16.56 -5.52
N TYR A 371 34.47 15.40 -5.38
CA TYR A 371 34.73 14.32 -6.32
C TYR A 371 33.55 14.09 -7.26
N TRP A 372 32.52 14.92 -7.20
CA TRP A 372 31.62 15.08 -8.33
C TRP A 372 32.32 15.77 -9.49
N MET A 373 33.34 16.59 -9.19
CA MET A 373 34.07 17.28 -10.25
C MET A 373 35.45 16.67 -10.51
N TYR A 374 36.31 16.58 -9.50
CA TYR A 374 37.70 16.18 -9.76
C TYR A 374 37.92 14.68 -9.58
N LYS A 384 45.27 1.03 -17.34
CA LYS A 384 44.17 0.96 -16.38
C LYS A 384 42.89 1.47 -17.04
N GLU A 385 41.99 0.55 -17.40
CA GLU A 385 40.87 0.89 -18.27
C GLU A 385 39.60 1.27 -17.52
N LEU A 386 39.24 0.53 -16.46
CA LEU A 386 37.97 0.77 -15.78
C LEU A 386 37.73 2.22 -15.39
N PRO A 387 38.73 3.00 -14.96
CA PRO A 387 38.51 4.45 -14.86
C PRO A 387 38.03 5.06 -16.16
N LYS A 388 38.55 4.60 -17.31
CA LYS A 388 38.13 5.17 -18.59
C LYS A 388 36.69 4.80 -18.93
N LYS A 389 36.27 3.57 -18.61
CA LYS A 389 34.88 3.18 -18.86
C LYS A 389 33.92 3.91 -17.92
N ILE A 390 34.33 4.12 -16.67
CA ILE A 390 33.51 4.89 -15.74
C ILE A 390 33.40 6.33 -16.20
N GLU A 391 34.48 6.89 -16.75
CA GLU A 391 34.43 8.23 -17.34
C GLU A 391 33.53 8.26 -18.57
N GLU A 392 33.54 7.18 -19.36
CA GLU A 392 32.59 7.02 -20.46
C GLU A 392 31.17 7.21 -19.97
N LEU A 393 30.80 6.46 -18.93
CA LEU A 393 29.45 6.55 -18.39
C LEU A 393 29.16 7.93 -17.81
N LEU A 394 30.13 8.50 -17.09
CA LEU A 394 29.96 9.84 -16.53
C LEU A 394 29.65 10.86 -17.62
N LYS A 395 30.45 10.86 -18.68
CA LYS A 395 30.26 11.83 -19.75
C LYS A 395 28.94 11.60 -20.46
N ASN A 396 28.56 10.34 -20.69
CA ASN A 396 27.26 10.04 -21.25
C ASN A 396 26.13 10.64 -20.42
N VAL A 397 26.13 10.37 -19.11
CA VAL A 397 25.02 10.81 -18.26
C VAL A 397 24.99 12.33 -18.17
N LYS A 398 26.17 12.95 -17.96
CA LYS A 398 26.22 14.41 -17.87
C LYS A 398 25.87 15.07 -19.19
N GLY A 399 25.92 14.33 -20.30
CA GLY A 399 25.54 14.89 -21.59
C GLY A 399 24.05 15.20 -21.73
N TRP A 400 23.21 14.67 -20.84
CA TRP A 400 21.77 14.89 -20.95
C TRP A 400 21.06 15.14 -19.63
N ARG A 401 21.76 15.21 -18.51
CA ARG A 401 21.09 15.39 -17.22
C ARG A 401 20.44 16.76 -17.12
N ASN A 402 21.10 17.79 -17.63
CA ASN A 402 20.64 19.16 -17.40
C ASN A 402 19.37 19.50 -18.16
N SER A 403 18.98 18.70 -19.16
CA SER A 403 17.68 18.91 -19.78
C SER A 403 16.56 18.61 -18.79
N VAL A 404 16.69 17.53 -18.02
CA VAL A 404 15.73 17.23 -16.96
C VAL A 404 15.91 18.19 -15.79
N ALA A 405 17.17 18.48 -15.43
CA ALA A 405 17.42 19.25 -14.22
C ALA A 405 16.93 20.69 -14.32
N HIS A 406 17.13 21.33 -15.47
CA HIS A 406 16.90 22.76 -15.61
C HIS A 406 15.54 23.08 -16.24
N GLY A 407 14.66 22.09 -16.37
CA GLY A 407 13.30 22.36 -16.82
C GLY A 407 13.14 22.62 -18.31
N GLY A 408 14.19 22.44 -19.09
CA GLY A 408 14.08 22.59 -20.54
C GLY A 408 14.02 24.00 -21.05
N ARG A 409 14.33 25.00 -20.24
CA ARG A 409 14.37 26.37 -20.73
C ARG A 409 15.51 26.53 -21.73
N ALA A 410 15.46 27.63 -22.48
CA ALA A 410 16.48 27.97 -23.48
C ALA A 410 16.60 26.90 -24.55
N ASN A 411 15.45 26.32 -24.95
CA ASN A 411 15.35 25.45 -26.11
C ASN A 411 16.15 24.15 -25.93
N THR A 412 16.11 23.58 -24.73
CA THR A 412 16.91 22.39 -24.42
C THR A 412 16.11 21.36 -23.63
N SER A 413 14.88 21.08 -24.09
CA SER A 413 14.04 20.07 -23.48
C SER A 413 14.22 18.74 -24.20
N ILE A 414 13.41 17.75 -23.85
CA ILE A 414 13.53 16.41 -24.42
C ILE A 414 12.20 15.70 -24.26
N ASN A 415 11.87 14.86 -25.25
CA ASN A 415 10.64 14.08 -25.21
C ASN A 415 10.82 12.88 -24.29
N GLN A 416 9.76 12.08 -24.15
CA GLN A 416 9.87 10.85 -23.37
C GLN A 416 10.68 9.79 -24.09
N LYS A 417 10.65 9.80 -25.43
CA LYS A 417 11.33 8.75 -26.19
C LYS A 417 12.85 8.83 -26.01
N THR A 418 13.41 10.02 -26.21
CA THR A 418 14.87 10.16 -26.06
C THR A 418 15.28 10.08 -24.59
N LEU A 419 14.40 10.47 -23.67
CA LEU A 419 14.74 10.30 -22.26
C LEU A 419 14.78 8.82 -21.89
N GLU A 420 13.85 8.03 -22.40
CA GLU A 420 13.90 6.58 -22.24
C GLU A 420 15.18 6.02 -22.84
N GLU A 421 15.53 6.50 -24.04
CA GLU A 421 16.80 6.17 -24.68
C GLU A 421 17.96 6.34 -23.70
N ASN A 422 18.08 7.56 -23.15
CA ASN A 422 19.20 7.90 -22.28
C ASN A 422 19.19 7.09 -21.00
N LEU A 423 18.00 6.88 -20.42
CA LEU A 423 17.91 6.14 -19.18
C LEU A 423 18.34 4.69 -19.38
N GLU A 424 17.97 4.06 -20.49
CA GLU A 424 18.43 2.70 -20.71
C GLU A 424 19.91 2.66 -21.09
N ASN A 425 20.43 3.74 -21.69
CA ASN A 425 21.88 3.86 -21.83
C ASN A 425 22.56 3.73 -20.48
N ALA A 426 22.10 4.54 -19.52
CA ALA A 426 22.65 4.51 -18.17
C ALA A 426 22.49 3.12 -17.54
N LEU A 427 21.31 2.51 -17.71
CA LEU A 427 21.07 1.19 -17.15
C LEU A 427 22.08 0.17 -17.67
N SER A 428 22.27 0.14 -18.98
CA SER A 428 23.17 -0.84 -19.58
C SER A 428 24.61 -0.62 -19.09
N MET A 429 25.07 0.63 -19.09
CA MET A 429 26.45 0.88 -18.69
C MET A 429 26.67 0.58 -17.21
N ILE A 430 25.67 0.87 -16.36
CA ILE A 430 25.83 0.62 -14.94
C ILE A 430 25.85 -0.87 -14.65
N ASP A 431 24.98 -1.64 -15.31
CA ASP A 431 25.04 -3.10 -15.14
C ASP A 431 26.37 -3.66 -15.64
N GLU A 432 26.83 -3.16 -16.80
CA GLU A 432 28.16 -3.48 -17.30
C GLU A 432 29.23 -3.31 -16.23
N ILE A 433 29.40 -2.08 -15.73
CA ILE A 433 30.49 -1.81 -14.81
C ILE A 433 30.29 -2.46 -13.46
N LEU A 434 29.04 -2.72 -13.06
CA LEU A 434 28.78 -3.46 -11.84
C LEU A 434 29.28 -4.90 -11.95
N LEU A 435 28.99 -5.54 -13.08
CA LEU A 435 29.54 -6.88 -13.30
C LEU A 435 31.05 -6.84 -13.45
N SER A 436 31.60 -5.72 -13.93
CA SER A 436 33.05 -5.62 -14.15
C SER A 436 33.85 -5.34 -12.90
N MET A 437 33.21 -4.89 -11.81
CA MET A 437 33.92 -4.51 -10.59
C MET A 437 34.09 -5.66 -9.61
N LYS A 438 34.11 -6.91 -10.11
CA LYS A 438 34.33 -8.06 -9.25
C LYS A 438 35.63 -8.76 -9.62
N SER A 444 43.55 -0.75 -1.32
CA SER A 444 43.85 -1.39 -0.04
C SER A 444 45.22 -0.95 0.49
N LYS A 445 45.30 0.29 0.95
CA LYS A 445 46.53 0.83 1.51
C LYS A 445 46.79 0.23 2.89
N LYS A 446 47.88 0.65 3.53
CA LYS A 446 48.14 0.23 4.90
C LYS A 446 47.06 0.79 5.81
N ILE A 447 46.39 -0.09 6.55
CA ILE A 447 45.29 0.29 7.43
C ILE A 447 45.68 -0.14 8.85
N TYR A 448 46.09 0.82 9.65
CA TYR A 448 46.46 0.52 11.03
C TYR A 448 45.23 0.19 11.85
N LEU A 449 45.47 -0.32 13.06
CA LEU A 449 44.42 -0.72 13.97
C LEU A 449 44.67 -0.04 15.32
N LEU A 450 43.76 0.83 15.73
CA LEU A 450 43.88 1.61 16.95
C LEU A 450 42.80 1.19 17.94
N ASN A 451 42.82 1.82 19.12
CA ASN A 451 41.83 1.52 20.15
C ASN A 451 41.37 2.77 20.91
N SER A 452 41.46 3.95 20.29
CA SER A 452 40.94 5.19 20.87
C SER A 452 41.04 6.29 19.83
N THR A 453 40.23 7.34 20.03
CA THR A 453 40.18 8.47 19.10
C THR A 453 41.41 9.35 19.29
N ILE A 454 42.18 9.53 18.22
CA ILE A 454 43.51 10.15 18.30
C ILE A 454 43.84 10.83 16.97
N MET A 455 44.84 11.73 17.01
CA MET A 455 45.42 12.29 15.80
C MET A 455 46.94 12.36 15.92
N PRO A 456 47.65 11.27 16.21
CA PRO A 456 49.09 11.42 16.43
C PRO A 456 49.83 11.58 15.12
N ILE A 457 50.16 12.83 14.78
CA ILE A 457 50.91 13.14 13.57
C ILE A 457 52.38 13.13 13.94
N PRO A 458 53.28 12.79 13.02
CA PRO A 458 54.71 12.86 13.33
C PRO A 458 55.08 14.27 13.75
N LYS A 459 56.01 14.36 14.71
CA LYS A 459 56.31 15.63 15.35
C LYS A 459 56.85 16.68 14.39
N ASP A 460 57.26 16.29 13.19
CA ASP A 460 57.74 17.22 12.18
C ASP A 460 56.65 17.67 11.21
N ASN A 461 55.40 17.29 11.43
CA ASN A 461 54.32 17.67 10.54
C ASN A 461 53.71 19.01 10.96
N GLN A 462 53.25 19.76 9.98
CA GLN A 462 52.59 21.04 10.23
C GLN A 462 51.17 20.82 10.75
N GLY A 464 47.59 19.89 9.82
CA GLY A 464 46.91 18.65 9.49
C GLY A 464 45.40 18.71 9.53
N LYS A 465 44.76 17.95 8.62
CA LYS A 465 43.31 17.86 8.54
C LYS A 465 42.89 16.41 8.69
N PHE A 466 41.85 16.18 9.48
CA PHE A 466 41.43 14.83 9.85
C PHE A 466 39.93 14.68 9.74
N TYR A 467 39.49 13.58 9.16
CA TYR A 467 38.08 13.22 9.06
C TYR A 467 37.78 12.01 9.95
N ILE A 468 36.60 12.01 10.54
CA ILE A 468 36.15 10.98 11.46
C ILE A 468 34.67 10.72 11.21
N LEU A 469 34.27 9.45 11.29
CA LEU A 469 32.87 9.10 11.05
C LEU A 469 32.42 8.00 12.01
N LYS A 470 31.24 8.18 12.59
CA LYS A 470 30.64 7.14 13.40
C LYS A 470 30.22 5.97 12.51
N LEU A 471 30.37 4.75 13.03
CA LEU A 471 30.09 3.56 12.26
C LEU A 471 29.28 2.59 13.11
N THR A 472 28.85 1.51 12.46
CA THR A 472 28.24 0.37 13.13
C THR A 472 29.21 -0.81 13.14
N LYS A 473 28.83 -1.86 13.89
CA LYS A 473 29.77 -2.94 14.18
C LYS A 473 30.05 -3.81 12.96
N ASN A 474 29.08 -3.99 12.07
CA ASN A 474 29.27 -4.86 10.91
C ASN A 474 30.31 -4.29 9.95
N GLU A 475 30.23 -3.00 9.66
CA GLU A 475 31.21 -2.33 8.81
C GLU A 475 32.61 -2.44 9.42
N PHE A 476 32.67 -2.24 10.74
CA PHE A 476 33.89 -2.42 11.50
C PHE A 476 34.51 -3.79 11.25
N LYS A 477 33.71 -4.84 11.42
CA LYS A 477 34.21 -6.21 11.20
C LYS A 477 34.68 -6.40 9.76
N VAL A 478 33.91 -5.90 8.80
CA VAL A 478 34.24 -6.10 7.38
C VAL A 478 35.61 -5.52 7.07
N ILE A 479 35.77 -4.21 7.30
CA ILE A 479 37.06 -3.60 6.97
C ILE A 479 38.18 -4.13 7.85
N LEU A 480 37.88 -4.62 9.06
CA LEU A 480 38.91 -5.21 9.90
C LEU A 480 39.50 -6.45 9.26
N GLU A 481 38.66 -7.38 8.80
CA GLU A 481 39.24 -8.55 8.14
C GLU A 481 39.83 -8.21 6.77
N ASN A 482 39.31 -7.17 6.10
CA ASN A 482 39.98 -6.69 4.90
C ASN A 482 41.42 -6.30 5.20
N ALA A 483 41.64 -5.60 6.31
CA ALA A 483 43.01 -5.31 6.74
C ALA A 483 43.75 -6.59 7.13
N ILE A 484 43.04 -7.57 7.71
CA ILE A 484 43.70 -8.79 8.18
C ILE A 484 44.34 -9.55 7.03
N LYS A 485 43.57 -9.81 5.96
CA LYS A 485 44.05 -10.73 4.93
C LYS A 485 44.45 -10.03 3.63
N ASP A 486 44.77 -8.75 3.70
CA ASP A 486 45.45 -8.05 2.60
C ASP A 486 46.89 -7.70 2.94
N ASP A 487 47.40 -8.15 4.10
CA ASP A 487 48.73 -7.88 4.63
C ASP A 487 48.89 -6.40 5.00
N VAL A 488 47.83 -5.60 4.89
CA VAL A 488 47.93 -4.15 5.02
C VAL A 488 47.50 -3.68 6.41
N LEU A 489 47.52 -4.56 7.40
CA LEU A 489 47.14 -4.21 8.77
C LEU A 489 48.40 -3.93 9.58
N ASP A 490 48.46 -2.74 10.18
CA ASP A 490 49.49 -2.40 11.16
C ASP A 490 48.78 -2.26 12.51
N SER A 491 48.57 -3.40 13.17
CA SER A 491 47.77 -3.43 14.38
C SER A 491 48.55 -2.81 15.55
N ALA A 492 47.85 -2.02 16.35
CA ALA A 492 48.49 -1.26 17.42
C ALA A 492 47.66 -1.33 18.71
N ILE A 493 47.26 -2.54 19.09
CA ILE A 493 46.55 -2.75 20.35
C ILE A 493 47.58 -2.91 21.46
N GLY A 494 47.42 -2.12 22.52
CA GLY A 494 48.42 -2.06 23.58
C GLY A 494 48.18 -2.92 24.79
N HIS A 495 46.95 -3.41 24.98
CA HIS A 495 46.61 -4.21 26.15
C HIS A 495 45.77 -5.40 25.72
N GLU A 496 45.32 -6.18 26.71
CA GLU A 496 44.91 -7.56 26.49
C GLU A 496 43.42 -7.78 26.44
N SER A 497 42.65 -7.24 27.41
CA SER A 497 41.21 -7.50 27.42
C SER A 497 40.53 -7.03 26.14
N VAL A 498 41.17 -6.10 25.41
CA VAL A 498 40.68 -5.71 24.10
C VAL A 498 40.63 -6.93 23.18
N ILE A 499 41.71 -7.71 23.13
CA ILE A 499 41.70 -8.94 22.32
C ILE A 499 40.71 -9.96 22.85
N GLU A 500 40.53 -10.00 24.17
CA GLU A 500 39.52 -10.89 24.75
C GLU A 500 38.14 -10.59 24.17
N PHE A 501 37.72 -9.32 24.21
CA PHE A 501 36.45 -8.96 23.59
C PHE A 501 36.47 -9.13 22.08
N ILE A 502 37.64 -8.97 21.46
CA ILE A 502 37.77 -9.11 20.02
C ILE A 502 37.39 -10.52 19.59
N LYS A 503 37.94 -11.53 20.26
CA LYS A 503 37.63 -12.90 19.89
C LYS A 503 36.30 -13.37 20.51
N ASP A 504 35.84 -12.71 21.58
CA ASP A 504 34.54 -13.05 22.15
C ASP A 504 33.39 -12.51 21.34
N LYS A 505 33.62 -11.49 20.50
CA LYS A 505 32.56 -10.89 19.70
C LYS A 505 32.75 -11.09 18.20
N PHE A 506 33.93 -10.79 17.68
CA PHE A 506 34.16 -10.75 16.23
C PHE A 506 34.55 -12.10 15.65
N GLU A 507 34.79 -13.12 16.47
CA GLU A 507 35.25 -14.42 16.00
C GLU A 507 36.52 -14.29 15.18
N PRO A 511 47.52 -9.01 16.66
CA PRO A 511 48.87 -8.45 16.85
C PRO A 511 48.88 -7.32 17.87
N LEU A 512 49.42 -7.60 19.06
CA LEU A 512 49.48 -6.60 20.12
C LEU A 512 50.75 -5.77 20.03
N LYS A 513 50.98 -5.17 18.86
CA LYS A 513 52.14 -4.30 18.67
C LYS A 513 51.89 -2.97 19.35
N ARG A 514 52.22 -2.87 20.63
CA ARG A 514 51.97 -1.66 21.40
C ARG A 514 52.95 -0.56 21.02
N LYS A 515 52.76 0.03 19.84
CA LYS A 515 53.60 1.09 19.33
C LYS A 515 52.76 2.34 19.09
N GLU A 516 53.32 3.49 19.42
CA GLU A 516 52.60 4.76 19.31
C GLU A 516 52.30 5.12 17.86
N TYR A 518 52.05 6.07 15.01
CA TYR A 518 52.11 7.31 14.25
C TYR A 518 51.04 7.33 13.17
N PHE A 519 50.63 8.52 12.77
CA PHE A 519 49.58 8.71 11.77
C PHE A 519 50.13 9.60 10.66
N GLU A 520 50.47 8.99 9.53
CA GLU A 520 50.84 9.75 8.35
C GLU A 520 49.59 10.19 7.60
N LYS A 521 49.69 11.33 6.93
CA LYS A 521 48.54 11.87 6.21
C LYS A 521 48.16 10.96 5.05
N GLY A 522 47.05 10.23 5.20
CA GLY A 522 46.62 9.27 4.20
C GLY A 522 46.28 7.91 4.77
N GLU A 523 46.98 7.51 5.83
CA GLU A 523 46.68 6.23 6.48
C GLU A 523 45.30 6.27 7.11
N SER A 524 44.59 5.14 7.03
CA SER A 524 43.25 4.99 7.59
C SER A 524 43.30 4.02 8.77
N ALA A 525 42.44 4.23 9.76
CA ALA A 525 42.52 3.41 10.97
C ALA A 525 41.18 3.33 11.67
N LEU A 526 41.07 2.34 12.56
CA LEU A 526 39.82 1.98 13.23
C LEU A 526 39.96 2.14 14.73
N VAL A 527 38.82 2.38 15.39
CA VAL A 527 38.77 2.81 16.79
C VAL A 527 37.58 2.16 17.48
N ILE A 528 37.71 1.95 18.78
CA ILE A 528 36.63 1.51 19.64
C ILE A 528 36.87 2.07 21.05
N LYS A 529 35.79 2.42 21.74
CA LYS A 529 35.83 2.82 23.13
C LYS A 529 34.77 2.08 23.91
N LEU A 530 35.06 1.84 25.19
CA LEU A 530 34.15 1.11 26.07
C LEU A 530 32.79 1.79 26.17
N GLU A 544 30.27 -9.60 32.76
CA GLU A 544 31.01 -8.49 32.19
C GLU A 544 30.30 -7.83 31.00
N MET A 545 30.44 -8.44 29.83
CA MET A 545 30.15 -7.80 28.56
C MET A 545 28.67 -7.53 28.32
N ASP A 546 27.80 -8.18 29.06
CA ASP A 546 26.39 -7.94 28.89
C ASP A 546 26.13 -6.55 29.39
N PHE A 547 26.63 -6.23 30.56
CA PHE A 547 26.47 -4.88 31.08
C PHE A 547 26.86 -3.93 29.97
N MET A 548 28.00 -4.20 29.34
CA MET A 548 28.45 -3.36 28.26
C MET A 548 27.34 -3.23 27.23
N GLU A 549 26.90 -4.37 26.70
CA GLU A 549 25.82 -4.34 25.73
C GLU A 549 24.74 -3.40 26.20
N GLU A 550 24.46 -3.42 27.49
CA GLU A 550 23.46 -2.53 28.04
C GLU A 550 24.04 -1.14 28.23
N LEU A 553 29.27 0.54 23.44
CA LEU A 553 29.41 0.66 21.98
C LEU A 553 30.48 -0.27 21.45
N ILE A 554 30.31 -0.81 20.21
CA ILE A 554 31.22 -1.87 19.77
C ILE A 554 32.00 -1.63 18.46
N GLY A 555 31.46 -0.87 17.50
CA GLY A 555 32.28 -0.43 16.37
C GLY A 555 31.97 0.99 15.88
N TYR A 556 32.92 1.94 15.93
CA TYR A 556 32.59 3.29 15.46
C TYR A 556 33.87 4.10 15.28
N TYR A 557 33.71 5.38 14.92
CA TYR A 557 34.80 6.34 14.88
C TYR A 557 35.94 5.85 13.98
N TYR A 558 35.61 5.58 12.73
CA TYR A 558 36.65 5.30 11.75
C TYR A 558 37.31 6.63 11.39
N ILE A 559 38.64 6.61 11.24
CA ILE A 559 39.43 7.82 11.31
C ILE A 559 40.43 7.82 10.16
N TYR A 560 40.59 8.98 9.51
CA TYR A 560 41.48 9.07 8.37
C TYR A 560 41.99 10.49 8.22
N ARG A 561 43.30 10.63 7.95
CA ARG A 561 43.92 11.94 7.80
C ARG A 561 43.98 12.30 6.32
N GLU A 562 43.11 13.23 5.90
CA GLU A 562 43.27 13.87 4.60
C GLU A 562 44.33 14.97 4.63
N GLY A 563 45.03 15.11 5.73
CA GLY A 563 46.09 16.09 5.88
C GLY A 563 46.76 16.01 7.24
#